data_3H2P
#
_entry.id   3H2P
#
_cell.length_a   39.919
_cell.length_b   57.972
_cell.length_c   105.021
_cell.angle_alpha   90.00
_cell.angle_beta   90.00
_cell.angle_gamma   90.00
#
_symmetry.space_group_name_H-M   'P 21 21 21'
#
loop_
_entity.id
_entity.type
_entity.pdbx_description
1 polymer 'Superoxide dismutase [Cu-Zn]'
2 non-polymer 'ZINC ION'
3 non-polymer 'MALONATE ION'
4 non-polymer 'ACETYL GROUP'
5 water water
#
_entity_poly.entity_id   1
_entity_poly.type   'polypeptide(L)'
_entity_poly.pdbx_seq_one_letter_code
;ATKAVCVLKGDGPVQGIINFEQKESNGPVKVWGSIKGLTEGLHGFHVHEFGDNTAGCTSAGPHFNPLSRKHGGPKDEERH
VGDLGNVTADKDGVADVSIEDSVISLSGDHCIIGRTLVVHEKAVDLGKGGNEESTKTGNAGSRLACGVIGIAQ
;
_entity_poly.pdbx_strand_id   A,B
#
# COMPACT_ATOMS: atom_id res chain seq x y z
N ALA A 1 -19.65 3.55 -3.61
CA ALA A 1 -19.09 2.43 -2.83
C ALA A 1 -17.61 2.65 -2.51
N THR A 2 -17.18 2.13 -1.37
CA THR A 2 -15.76 2.16 -1.05
C THR A 2 -15.08 1.04 -1.82
N LYS A 3 -13.91 1.35 -2.37
CA LYS A 3 -13.18 0.40 -3.19
C LYS A 3 -11.72 0.39 -2.78
N ALA A 4 -11.10 -0.78 -2.88
CA ALA A 4 -9.68 -0.95 -2.60
C ALA A 4 -9.06 -1.93 -3.58
N VAL A 5 -7.73 -1.95 -3.64
CA VAL A 5 -7.01 -2.84 -4.53
C VAL A 5 -5.67 -3.22 -3.91
N CYS A 6 -5.13 -4.36 -4.31
CA CYS A 6 -3.87 -4.84 -3.79
C CYS A 6 -3.12 -5.58 -4.89
N VAL A 7 -1.85 -5.21 -5.08
CA VAL A 7 -0.97 -5.92 -5.99
C VAL A 7 -0.07 -6.84 -5.17
N LEU A 8 -0.22 -8.15 -5.36
CA LEU A 8 0.60 -9.14 -4.68
C LEU A 8 1.90 -9.37 -5.42
N LYS A 9 3.01 -9.29 -4.71
CA LYS A 9 4.33 -9.57 -5.27
C LYS A 9 5.17 -10.32 -4.25
N GLY A 10 6.13 -11.11 -4.74
CA GLY A 10 6.98 -11.89 -3.88
C GLY A 10 8.34 -12.16 -4.51
N ASP A 11 9.10 -13.06 -3.89
CA ASP A 11 10.45 -13.37 -4.32
C ASP A 11 10.49 -14.24 -5.58
N GLY A 12 9.40 -14.93 -5.87
CA GLY A 12 9.35 -15.86 -6.99
C GLY A 12 8.30 -15.46 -8.02
N PRO A 13 7.59 -16.45 -8.58
CA PRO A 13 6.66 -16.23 -9.68
C PRO A 13 5.27 -15.77 -9.24
N VAL A 14 5.02 -15.75 -7.93
CA VAL A 14 3.67 -15.48 -7.46
C VAL A 14 3.36 -14.01 -7.57
N GLN A 15 2.25 -13.70 -8.24
CA GLN A 15 1.83 -12.32 -8.40
C GLN A 15 0.34 -12.31 -8.67
N GLY A 16 -0.32 -11.21 -8.32
CA GLY A 16 -1.75 -11.12 -8.55
C GLY A 16 -2.27 -9.74 -8.26
N ILE A 17 -3.51 -9.52 -8.67
CA ILE A 17 -4.23 -8.28 -8.38
C ILE A 17 -5.55 -8.66 -7.75
N ILE A 18 -5.82 -8.11 -6.57
CA ILE A 18 -7.05 -8.39 -5.84
C ILE A 18 -7.81 -7.10 -5.60
N ASN A 19 -9.10 -7.11 -5.93
CA ASN A 19 -9.97 -5.96 -5.77
C ASN A 19 -10.92 -6.14 -4.60
N PHE A 20 -11.30 -5.03 -3.97
CA PHE A 20 -12.26 -5.03 -2.88
C PHE A 20 -13.33 -3.98 -3.15
N GLU A 21 -14.57 -4.30 -2.82
CA GLU A 21 -15.67 -3.34 -2.94
C GLU A 21 -16.65 -3.55 -1.79
N GLN A 22 -17.04 -2.46 -1.14
CA GLN A 22 -18.02 -2.52 -0.07
C GLN A 22 -19.06 -1.42 -0.28
N LYS A 23 -20.30 -1.82 -0.53
CA LYS A 23 -21.35 -0.86 -0.88
C LYS A 23 -21.89 -0.06 0.31
N GLU A 24 -21.89 -0.66 1.49
CA GLU A 24 -22.27 0.06 2.70
C GLU A 24 -21.44 -0.38 3.89
N SER A 25 -21.28 0.50 4.86
CA SER A 25 -20.29 0.28 5.92
C SER A 25 -20.56 -0.95 6.78
N ASN A 26 -21.82 -1.31 6.97
CA ASN A 26 -22.11 -2.52 7.75
C ASN A 26 -22.39 -3.72 6.86
N GLY A 27 -22.01 -3.61 5.59
CA GLY A 27 -22.27 -4.65 4.63
C GLY A 27 -21.04 -5.47 4.29
N PRO A 28 -21.23 -6.54 3.52
CA PRO A 28 -20.14 -7.43 3.12
C PRO A 28 -19.16 -6.73 2.19
N VAL A 29 -17.93 -7.22 2.18
CA VAL A 29 -16.91 -6.78 1.25
C VAL A 29 -16.76 -7.84 0.18
N LYS A 30 -16.90 -7.44 -1.08
CA LYS A 30 -16.61 -8.32 -2.20
C LYS A 30 -15.13 -8.28 -2.48
N VAL A 31 -14.53 -9.46 -2.62
CA VAL A 31 -13.10 -9.58 -2.89
C VAL A 31 -12.94 -10.46 -4.11
N TRP A 32 -12.28 -9.93 -5.14
CA TRP A 32 -12.13 -10.68 -6.39
C TRP A 32 -10.87 -10.32 -7.16
N GLY A 33 -10.39 -11.28 -7.94
CA GLY A 33 -9.19 -11.07 -8.74
C GLY A 33 -8.58 -12.41 -9.07
N SER A 34 -7.28 -12.42 -9.33
CA SER A 34 -6.59 -13.68 -9.58
C SER A 34 -5.15 -13.61 -9.12
N ILE A 35 -4.61 -14.79 -8.84
CA ILE A 35 -3.21 -14.92 -8.44
C ILE A 35 -2.59 -15.98 -9.31
N LYS A 36 -1.39 -15.69 -9.81
CA LYS A 36 -0.68 -16.61 -10.69
C LYS A 36 0.62 -17.08 -10.03
N GLY A 37 1.22 -18.14 -10.58
CA GLY A 37 2.50 -18.61 -10.10
C GLY A 37 2.42 -19.55 -8.91
N LEU A 38 1.22 -20.05 -8.61
CA LEU A 38 1.02 -20.91 -7.44
C LEU A 38 1.11 -22.38 -7.78
N THR A 39 1.44 -23.20 -6.78
CA THR A 39 1.28 -24.64 -6.93
C THR A 39 -0.22 -24.98 -7.00
N GLU A 40 -0.57 -25.96 -7.82
CA GLU A 40 -1.95 -26.40 -7.94
C GLU A 40 -2.48 -26.79 -6.56
N GLY A 41 -3.69 -26.36 -6.23
CA GLY A 41 -4.29 -26.70 -4.95
C GLY A 41 -4.51 -25.50 -4.04
N LEU A 42 -4.65 -25.78 -2.73
CA LEU A 42 -5.09 -24.79 -1.75
C LEU A 42 -3.97 -23.93 -1.18
N HIS A 43 -4.28 -22.65 -0.96
CA HIS A 43 -3.34 -21.67 -0.40
C HIS A 43 -4.01 -20.69 0.56
N GLY A 44 -3.46 -20.57 1.76
CA GLY A 44 -3.97 -19.63 2.75
C GLY A 44 -3.97 -18.21 2.22
N PHE A 45 -4.99 -17.45 2.58
CA PHE A 45 -5.23 -16.12 2.01
C PHE A 45 -5.68 -15.24 3.17
N HIS A 46 -4.80 -14.35 3.64
CA HIS A 46 -5.06 -13.62 4.88
C HIS A 46 -4.69 -12.16 4.80
N VAL A 47 -5.39 -11.34 5.58
CA VAL A 47 -4.95 -9.99 5.84
C VAL A 47 -4.09 -10.01 7.10
N HIS A 48 -2.89 -9.47 6.99
CA HIS A 48 -1.98 -9.35 8.13
C HIS A 48 -1.99 -7.91 8.62
N GLU A 49 -1.52 -7.71 9.84
CA GLU A 49 -1.80 -6.47 10.58
C GLU A 49 -1.19 -5.21 9.98
N PHE A 50 0.07 -5.28 9.55
CA PHE A 50 0.78 -4.07 9.15
C PHE A 50 0.99 -3.97 7.65
N GLY A 51 0.79 -2.78 7.11
CA GLY A 51 1.09 -2.49 5.71
C GLY A 51 2.55 -2.09 5.57
N ASP A 52 3.41 -2.92 6.15
CA ASP A 52 4.85 -2.65 6.19
C ASP A 52 5.55 -3.69 5.32
N ASN A 53 6.05 -3.25 4.17
CA ASN A 53 6.69 -4.15 3.22
C ASN A 53 8.20 -3.92 3.15
N THR A 54 8.75 -3.31 4.20
CA THR A 54 10.19 -3.01 4.26
C THR A 54 11.05 -4.28 4.21
N ALA A 55 10.52 -5.39 4.70
CA ALA A 55 11.20 -6.68 4.61
C ALA A 55 10.34 -7.65 3.81
N GLY A 56 9.73 -7.13 2.74
CA GLY A 56 8.81 -7.94 1.96
C GLY A 56 7.65 -8.36 2.84
N CYS A 57 7.26 -9.62 2.74
CA CYS A 57 6.11 -10.11 3.50
C CYS A 57 6.44 -10.36 4.96
N THR A 58 7.73 -10.42 5.26
CA THR A 58 8.20 -10.76 6.59
C THR A 58 7.83 -9.69 7.62
N SER A 59 7.65 -8.46 7.17
CA SER A 59 7.38 -7.34 8.06
C SER A 59 5.89 -7.02 8.23
N ALA A 60 5.03 -7.85 7.66
CA ALA A 60 3.58 -7.61 7.70
C ALA A 60 2.95 -7.91 9.05
N GLY A 61 3.70 -8.53 9.95
CA GLY A 61 3.16 -8.90 11.24
C GLY A 61 2.27 -10.11 11.16
N PRO A 62 1.48 -10.37 12.20
CA PRO A 62 0.58 -11.53 12.32
C PRO A 62 -0.71 -11.31 11.56
N HIS A 63 -1.55 -12.34 11.53
CA HIS A 63 -2.91 -12.22 11.05
C HIS A 63 -3.59 -11.04 11.72
N PHE A 64 -4.30 -10.25 10.94
CA PHE A 64 -5.05 -9.12 11.48
C PHE A 64 -6.18 -9.64 12.36
N ASN A 65 -6.20 -9.18 13.61
CA ASN A 65 -7.27 -9.58 14.51
C ASN A 65 -7.40 -8.60 15.68
N PRO A 66 -8.14 -7.51 15.47
CA PRO A 66 -8.27 -6.44 16.46
C PRO A 66 -9.06 -6.89 17.69
N ARG A 79 -12.98 -16.82 14.43
CA ARG A 79 -11.90 -16.67 13.45
C ARG A 79 -11.22 -15.32 13.61
N HIS A 80 -10.00 -15.21 13.08
CA HIS A 80 -9.36 -13.91 12.98
C HIS A 80 -10.08 -13.09 11.92
N VAL A 81 -10.18 -11.80 12.14
CA VAL A 81 -10.78 -10.92 11.16
C VAL A 81 -10.08 -11.08 9.80
N GLY A 82 -8.75 -11.21 9.84
CA GLY A 82 -7.97 -11.30 8.62
C GLY A 82 -8.02 -12.64 7.91
N ASP A 83 -8.70 -13.61 8.47
CA ASP A 83 -8.72 -14.94 7.85
C ASP A 83 -9.76 -15.05 6.72
N LEU A 84 -9.29 -14.93 5.48
CA LEU A 84 -10.17 -15.03 4.32
C LEU A 84 -10.17 -16.44 3.73
N GLY A 85 -9.69 -17.41 4.51
CA GLY A 85 -9.75 -18.81 4.11
C GLY A 85 -8.65 -19.22 3.15
N ASN A 86 -9.02 -20.09 2.22
CA ASN A 86 -8.06 -20.60 1.23
C ASN A 86 -8.52 -20.31 -0.19
N VAL A 87 -7.56 -20.09 -1.07
CA VAL A 87 -7.86 -19.98 -2.50
C VAL A 87 -7.30 -21.23 -3.19
N THR A 88 -7.85 -21.56 -4.36
CA THR A 88 -7.44 -22.76 -5.08
C THR A 88 -6.86 -22.42 -6.45
N ALA A 89 -5.64 -22.89 -6.70
CA ALA A 89 -5.00 -22.68 -8.00
C ALA A 89 -5.23 -23.87 -8.91
N ASP A 90 -5.41 -23.59 -10.21
CA ASP A 90 -5.61 -24.66 -11.19
C ASP A 90 -4.28 -25.29 -11.63
N LYS A 91 -4.32 -26.11 -12.66
CA LYS A 91 -3.14 -26.83 -13.13
C LYS A 91 -2.09 -25.90 -13.76
N ASP A 92 -2.50 -24.69 -14.08
CA ASP A 92 -1.59 -23.69 -14.63
C ASP A 92 -1.10 -22.74 -13.55
N GLY A 93 -1.48 -23.02 -12.30
CA GLY A 93 -1.02 -22.22 -11.18
C GLY A 93 -1.81 -20.95 -10.96
N VAL A 94 -2.99 -20.87 -11.57
CA VAL A 94 -3.83 -19.67 -11.48
C VAL A 94 -4.97 -19.88 -10.50
N ALA A 95 -5.02 -19.03 -9.47
CA ALA A 95 -6.13 -19.06 -8.52
C ALA A 95 -7.09 -17.93 -8.81
N ASP A 96 -8.34 -18.28 -9.10
CA ASP A 96 -9.39 -17.28 -9.18
C ASP A 96 -9.84 -16.96 -7.77
N VAL A 97 -10.02 -15.67 -7.46
CA VAL A 97 -10.52 -15.29 -6.15
C VAL A 97 -11.89 -14.63 -6.30
N SER A 98 -12.87 -15.21 -5.63
CA SER A 98 -14.22 -14.64 -5.62
C SER A 98 -14.82 -14.91 -4.25
N ILE A 99 -14.71 -13.91 -3.37
CA ILE A 99 -15.09 -14.05 -1.98
C ILE A 99 -16.05 -12.92 -1.60
N GLU A 100 -17.04 -13.24 -0.77
CA GLU A 100 -17.83 -12.20 -0.13
C GLU A 100 -17.66 -12.40 1.36
N ASP A 101 -17.18 -11.38 2.06
CA ASP A 101 -16.89 -11.53 3.48
C ASP A 101 -17.51 -10.42 4.30
N SER A 102 -18.14 -10.81 5.40
CA SER A 102 -18.86 -9.85 6.24
C SER A 102 -18.13 -9.54 7.55
N VAL A 103 -16.89 -10.03 7.69
CA VAL A 103 -16.10 -9.75 8.88
C VAL A 103 -15.07 -8.64 8.63
N ILE A 104 -14.36 -8.72 7.51
CA ILE A 104 -13.49 -7.62 7.12
C ILE A 104 -14.35 -6.42 6.75
N SER A 105 -13.75 -5.23 6.72
CA SER A 105 -14.46 -4.04 6.29
C SER A 105 -13.48 -3.08 5.63
N LEU A 106 -14.02 -2.06 4.94
CA LEU A 106 -13.21 -0.99 4.40
C LEU A 106 -13.38 0.30 5.20
N SER A 107 -14.00 0.17 6.36
CA SER A 107 -14.08 1.25 7.35
C SER A 107 -14.24 0.69 8.76
N GLY A 108 -14.18 1.55 9.76
CA GLY A 108 -14.40 1.13 11.14
C GLY A 108 -13.24 0.35 11.71
N ASP A 109 -13.48 -0.40 12.79
CA ASP A 109 -12.37 -1.10 13.45
C ASP A 109 -11.85 -2.35 12.72
N HIS A 110 -12.67 -2.89 11.83
CA HIS A 110 -12.24 -4.04 11.03
C HIS A 110 -11.69 -3.60 9.68
N CYS A 111 -11.38 -2.31 9.55
CA CYS A 111 -10.87 -1.76 8.31
C CYS A 111 -9.52 -2.37 7.92
N ILE A 112 -9.42 -2.82 6.67
CA ILE A 112 -8.20 -3.45 6.18
C ILE A 112 -7.39 -2.57 5.24
N ILE A 113 -7.88 -1.36 4.94
CA ILE A 113 -7.11 -0.43 4.13
C ILE A 113 -5.79 -0.11 4.85
N GLY A 114 -4.68 -0.18 4.12
CA GLY A 114 -3.38 0.10 4.69
C GLY A 114 -2.75 -1.09 5.38
N ARG A 115 -3.42 -2.24 5.33
CA ARG A 115 -2.84 -3.47 5.86
C ARG A 115 -2.32 -4.33 4.72
N THR A 116 -1.83 -5.53 5.02
CA THR A 116 -1.18 -6.35 4.00
C THR A 116 -1.98 -7.61 3.69
N LEU A 117 -2.23 -7.86 2.41
CA LEU A 117 -2.82 -9.12 1.98
C LEU A 117 -1.68 -10.09 1.68
N VAL A 118 -1.80 -11.33 2.16
CA VAL A 118 -0.74 -12.32 2.00
C VAL A 118 -1.33 -13.63 1.47
N VAL A 119 -0.67 -14.22 0.47
CA VAL A 119 -1.03 -15.57 0.05
C VAL A 119 0.08 -16.52 0.50
N HIS A 120 -0.31 -17.67 1.04
CA HIS A 120 0.62 -18.58 1.70
C HIS A 120 0.95 -19.83 0.88
N GLU A 121 2.04 -20.48 1.27
CA GLU A 121 2.53 -21.69 0.65
C GLU A 121 1.54 -22.84 0.78
N LYS A 122 0.96 -22.99 1.98
CA LYS A 122 0.07 -24.11 2.26
C LYS A 122 -1.34 -23.64 2.64
N ALA A 123 -2.24 -24.62 2.77
CA ALA A 123 -3.61 -24.34 3.18
C ALA A 123 -3.70 -24.21 4.70
N VAL A 124 -4.75 -23.54 5.17
CA VAL A 124 -4.98 -23.37 6.60
C VAL A 124 -6.14 -24.23 7.09
N ALA A 140 0.20 -22.13 7.80
CA ALA A 140 0.02 -21.93 6.37
C ALA A 140 1.37 -21.87 5.65
N GLY A 141 2.45 -22.04 6.40
CA GLY A 141 3.78 -22.03 5.83
C GLY A 141 4.21 -20.66 5.36
N SER A 142 5.15 -20.63 4.42
CA SER A 142 5.79 -19.38 4.03
C SER A 142 4.83 -18.40 3.34
N ARG A 143 5.20 -17.13 3.40
CA ARG A 143 4.44 -16.07 2.76
C ARG A 143 4.99 -15.89 1.36
N LEU A 144 4.24 -16.35 0.35
CA LEU A 144 4.74 -16.37 -1.02
C LEU A 144 4.71 -15.01 -1.68
N ALA A 145 3.66 -14.24 -1.40
CA ALA A 145 3.48 -12.94 -2.01
C ALA A 145 2.56 -12.09 -1.16
N CYS A 146 2.69 -10.78 -1.29
CA CYS A 146 1.91 -9.86 -0.48
C CYS A 146 1.90 -8.48 -1.10
N GLY A 147 1.00 -7.64 -0.61
CA GLY A 147 0.94 -6.26 -1.03
C GLY A 147 0.15 -5.44 -0.03
N VAL A 148 0.33 -4.13 -0.07
CA VAL A 148 -0.42 -3.26 0.83
C VAL A 148 -1.76 -2.94 0.18
N ILE A 149 -2.83 -2.99 0.96
CA ILE A 149 -4.18 -2.72 0.46
C ILE A 149 -4.42 -1.21 0.35
N GLY A 150 -4.70 -0.75 -0.87
CA GLY A 150 -4.81 0.67 -1.11
C GLY A 150 -6.19 1.11 -1.57
N ILE A 151 -6.48 2.39 -1.40
CA ILE A 151 -7.73 2.97 -1.89
C ILE A 151 -7.73 2.97 -3.41
N ALA A 152 -8.85 2.55 -4.00
CA ALA A 152 -8.94 2.43 -5.46
C ALA A 152 -10.06 3.29 -6.03
N GLN A 153 -9.95 3.57 -7.32
CA GLN A 153 -10.94 4.36 -8.04
C GLN A 153 -12.11 3.48 -8.44
N ALA B 1 -4.30 4.49 13.59
CA ALA B 1 -2.87 4.40 13.30
C ALA B 1 -2.13 5.64 13.77
N THR B 2 -0.94 5.43 14.35
CA THR B 2 -0.09 6.54 14.76
C THR B 2 1.18 6.58 13.93
N LYS B 3 1.45 5.50 13.19
CA LYS B 3 2.61 5.45 12.33
C LYS B 3 2.25 4.79 11.01
N ALA B 4 2.87 5.27 9.93
CA ALA B 4 2.73 4.65 8.63
C ALA B 4 4.11 4.51 7.99
N VAL B 5 4.19 3.68 6.95
CA VAL B 5 5.45 3.47 6.25
C VAL B 5 5.16 3.24 4.77
N CYS B 6 6.13 3.60 3.94
CA CYS B 6 5.99 3.45 2.50
C CYS B 6 7.31 3.01 1.89
N VAL B 7 7.26 1.93 1.11
CA VAL B 7 8.42 1.49 0.34
C VAL B 7 8.27 1.99 -1.09
N LEU B 8 9.17 2.86 -1.52
CA LEU B 8 9.13 3.42 -2.86
C LEU B 8 9.91 2.54 -3.83
N LYS B 9 9.28 2.20 -4.96
CA LYS B 9 9.94 1.47 -6.03
C LYS B 9 9.41 1.96 -7.38
N GLY B 10 10.20 1.80 -8.43
CA GLY B 10 9.77 2.14 -9.77
C GLY B 10 10.40 1.26 -10.83
N ASP B 11 10.24 1.67 -12.08
CA ASP B 11 10.81 0.94 -13.22
C ASP B 11 12.33 1.09 -13.31
N GLY B 12 12.85 2.15 -12.67
CA GLY B 12 14.27 2.43 -12.69
C GLY B 12 14.91 2.15 -11.34
N PRO B 13 15.96 2.90 -11.02
CA PRO B 13 16.79 2.66 -9.84
C PRO B 13 16.32 3.40 -8.58
N VAL B 14 15.25 4.19 -8.67
CA VAL B 14 14.84 4.98 -7.52
C VAL B 14 14.14 4.09 -6.50
N GLN B 15 14.64 4.13 -5.27
CA GLN B 15 14.08 3.32 -4.20
C GLN B 15 14.25 4.01 -2.87
N GLY B 16 13.34 3.77 -1.95
CA GLY B 16 13.42 4.42 -0.66
C GLY B 16 12.42 3.89 0.33
N ILE B 17 12.60 4.30 1.58
CA ILE B 17 11.65 3.99 2.63
C ILE B 17 11.32 5.28 3.35
N ILE B 18 10.03 5.59 3.45
CA ILE B 18 9.59 6.80 4.13
C ILE B 18 8.64 6.45 5.27
N ASN B 19 8.92 7.04 6.43
CA ASN B 19 8.13 6.84 7.64
C ASN B 19 7.25 8.06 7.91
N PHE B 20 6.09 7.80 8.49
CA PHE B 20 5.18 8.87 8.90
C PHE B 20 4.81 8.62 10.35
N GLU B 21 4.83 9.66 11.17
CA GLU B 21 4.37 9.50 12.55
C GLU B 21 3.46 10.64 12.96
N GLN B 22 2.33 10.27 13.56
CA GLN B 22 1.36 11.24 14.05
C GLN B 22 0.91 10.78 15.42
N LYS B 23 1.66 11.14 16.45
CA LYS B 23 1.37 10.67 17.81
C LYS B 23 0.07 11.22 18.39
N GLU B 24 -0.34 12.38 17.91
CA GLU B 24 -1.58 13.02 18.37
C GLU B 24 -2.57 13.12 17.23
N SER B 25 -3.81 12.69 17.47
CA SER B 25 -4.85 12.77 16.45
C SER B 25 -4.97 14.22 15.97
N ASN B 26 -5.04 14.39 14.65
CA ASN B 26 -5.17 15.70 14.03
C ASN B 26 -3.96 16.61 14.23
N GLY B 27 -2.88 16.02 14.75
CA GLY B 27 -1.66 16.76 15.00
C GLY B 27 -0.70 16.74 13.83
N PRO B 28 0.45 17.42 13.96
CA PRO B 28 1.43 17.42 12.87
C PRO B 28 1.94 16.01 12.59
N VAL B 29 2.26 15.75 11.33
CA VAL B 29 2.82 14.47 10.92
C VAL B 29 4.30 14.65 10.63
N LYS B 30 5.13 13.83 11.27
CA LYS B 30 6.56 13.82 10.99
C LYS B 30 6.80 12.83 9.86
N VAL B 31 7.55 13.27 8.84
CA VAL B 31 7.84 12.44 7.66
C VAL B 31 9.35 12.35 7.49
N TRP B 32 9.89 11.14 7.48
CA TRP B 32 11.33 10.99 7.37
C TRP B 32 11.78 9.70 6.72
N GLY B 33 12.99 9.71 6.17
CA GLY B 33 13.54 8.52 5.55
C GLY B 33 14.56 8.92 4.52
N SER B 34 14.85 7.99 3.61
CA SER B 34 15.86 8.25 2.59
C SER B 34 15.39 7.69 1.26
N ILE B 35 15.78 8.38 0.18
CA ILE B 35 15.50 7.91 -1.17
C ILE B 35 16.80 7.96 -1.96
N LYS B 36 17.13 6.89 -2.66
CA LYS B 36 18.35 6.84 -3.45
C LYS B 36 18.03 6.53 -4.91
N GLY B 37 19.04 6.70 -5.77
CA GLY B 37 18.89 6.44 -7.20
C GLY B 37 18.39 7.65 -7.97
N LEU B 38 18.46 8.82 -7.33
CA LEU B 38 17.94 10.06 -7.91
C LEU B 38 19.05 10.86 -8.59
N THR B 39 18.68 11.66 -9.58
CA THR B 39 19.60 12.65 -10.12
C THR B 39 19.79 13.76 -9.09
N GLU B 40 21.01 14.27 -8.98
CA GLU B 40 21.30 15.36 -8.06
C GLU B 40 20.36 16.54 -8.32
N GLY B 41 19.76 17.06 -7.25
CA GLY B 41 18.87 18.21 -7.38
C GLY B 41 17.51 18.00 -6.74
N LEU B 42 16.55 18.85 -7.12
CA LEU B 42 15.22 18.84 -6.53
C LEU B 42 14.26 17.87 -7.21
N HIS B 43 13.44 17.20 -6.40
CA HIS B 43 12.44 16.28 -6.90
C HIS B 43 11.10 16.45 -6.19
N GLY B 44 10.04 16.58 -6.97
CA GLY B 44 8.71 16.71 -6.40
C GLY B 44 8.36 15.50 -5.57
N PHE B 45 7.66 15.73 -4.45
CA PHE B 45 7.42 14.72 -3.43
C PHE B 45 5.95 14.85 -3.00
N HIS B 46 5.11 13.94 -3.46
CA HIS B 46 3.66 14.10 -3.37
C HIS B 46 2.94 12.85 -2.92
N VAL B 47 1.85 13.03 -2.18
CA VAL B 47 0.88 11.96 -2.01
C VAL B 47 -0.13 12.03 -3.17
N HIS B 48 -0.31 10.91 -3.86
CA HIS B 48 -1.31 10.81 -4.91
C HIS B 48 -2.51 10.02 -4.43
N GLU B 49 -3.62 10.19 -5.12
CA GLU B 49 -4.94 9.83 -4.59
C GLU B 49 -5.15 8.35 -4.31
N PHE B 50 -4.67 7.50 -5.21
CA PHE B 50 -5.00 6.08 -5.11
C PHE B 50 -3.83 5.20 -4.75
N GLY B 51 -4.04 4.28 -3.83
CA GLY B 51 -3.05 3.26 -3.49
C GLY B 51 -3.15 2.11 -4.46
N ASP B 52 -3.09 2.43 -5.75
CA ASP B 52 -3.28 1.48 -6.83
C ASP B 52 -1.97 1.34 -7.61
N ASN B 53 -1.30 0.22 -7.45
CA ASN B 53 -0.03 -0.04 -8.12
C ASN B 53 -0.16 -1.03 -9.26
N THR B 54 -1.39 -1.25 -9.74
CA THR B 54 -1.64 -2.25 -10.78
C THR B 54 -0.86 -1.96 -12.06
N ALA B 55 -0.59 -0.69 -12.32
CA ALA B 55 0.19 -0.29 -13.49
C ALA B 55 1.39 0.51 -13.04
N GLY B 56 2.03 0.07 -11.98
CA GLY B 56 3.12 0.84 -11.40
C GLY B 56 2.62 2.19 -10.97
N CYS B 57 3.44 3.21 -11.14
CA CYS B 57 3.06 4.54 -10.67
C CYS B 57 2.02 5.21 -11.57
N THR B 58 1.82 4.65 -12.75
CA THR B 58 0.88 5.26 -13.70
C THR B 58 -0.57 5.17 -13.19
N SER B 59 -0.82 4.27 -12.23
CA SER B 59 -2.18 4.08 -11.73
C SER B 59 -2.44 4.78 -10.40
N ALA B 60 -1.48 5.60 -9.97
CA ALA B 60 -1.56 6.27 -8.66
C ALA B 60 -2.60 7.39 -8.61
N GLY B 61 -3.10 7.80 -9.76
CA GLY B 61 -4.11 8.85 -9.81
C GLY B 61 -3.50 10.23 -9.67
N PRO B 62 -4.37 11.24 -9.56
CA PRO B 62 -3.88 12.63 -9.48
C PRO B 62 -3.26 12.94 -8.12
N HIS B 63 -2.55 14.05 -8.07
CA HIS B 63 -2.07 14.63 -6.83
C HIS B 63 -3.24 14.69 -5.85
N PHE B 64 -3.06 14.17 -4.64
CA PHE B 64 -4.15 14.11 -3.65
C PHE B 64 -4.61 15.51 -3.24
N ASN B 65 -5.89 15.77 -3.49
CA ASN B 65 -6.45 17.08 -3.20
C ASN B 65 -7.97 17.04 -3.09
N PRO B 66 -8.47 16.48 -1.99
CA PRO B 66 -9.92 16.28 -1.87
C PRO B 66 -10.67 17.61 -1.96
N LEU B 67 -11.70 17.66 -2.77
CA LEU B 67 -12.58 18.84 -2.79
C LEU B 67 -13.52 18.76 -1.59
N SER B 68 -12.99 18.26 -0.48
CA SER B 68 -13.74 18.07 0.76
C SER B 68 -15.12 17.45 0.52
N ARG B 79 -2.00 25.21 -2.29
CA ARG B 79 -1.28 23.94 -2.13
C ARG B 79 -2.22 22.74 -2.03
N HIS B 80 -1.98 21.73 -2.86
CA HIS B 80 -2.69 20.46 -2.75
C HIS B 80 -2.38 19.84 -1.38
N VAL B 81 -3.38 19.16 -0.80
CA VAL B 81 -3.17 18.42 0.45
C VAL B 81 -1.95 17.50 0.34
N GLY B 82 -1.82 16.81 -0.79
CA GLY B 82 -0.75 15.84 -0.96
C GLY B 82 0.61 16.42 -1.31
N ASP B 83 0.69 17.74 -1.38
CA ASP B 83 1.94 18.39 -1.78
C ASP B 83 2.91 18.53 -0.62
N LEU B 84 3.89 17.63 -0.56
CA LEU B 84 4.91 17.70 0.50
C LEU B 84 6.16 18.44 0.03
N GLY B 85 6.03 19.19 -1.06
CA GLY B 85 7.12 20.00 -1.57
C GLY B 85 8.12 19.23 -2.42
N ASN B 86 9.40 19.62 -2.31
CA ASN B 86 10.47 18.95 -3.02
C ASN B 86 11.47 18.33 -2.06
N VAL B 87 12.03 17.19 -2.44
CA VAL B 87 13.18 16.64 -1.72
C VAL B 87 14.46 16.93 -2.54
N THR B 88 15.60 16.98 -1.84
CA THR B 88 16.86 17.32 -2.48
C THR B 88 17.82 16.12 -2.47
N ALA B 89 18.21 15.67 -3.66
CA ALA B 89 19.19 14.59 -3.78
C ALA B 89 20.59 15.18 -3.86
N ASP B 90 21.55 14.54 -3.18
CA ASP B 90 22.94 14.98 -3.21
C ASP B 90 23.71 14.38 -4.39
N LYS B 91 25.03 14.56 -4.36
CA LYS B 91 25.92 14.09 -5.43
C LYS B 91 25.85 12.58 -5.65
N ASP B 92 25.54 11.83 -4.59
CA ASP B 92 25.46 10.38 -4.67
C ASP B 92 24.05 9.92 -5.04
N GLY B 93 23.17 10.89 -5.28
CA GLY B 93 21.80 10.61 -5.68
C GLY B 93 20.89 10.25 -4.52
N VAL B 94 21.29 10.62 -3.30
CA VAL B 94 20.54 10.27 -2.10
C VAL B 94 19.81 11.49 -1.56
N ALA B 95 18.51 11.34 -1.32
CA ALA B 95 17.70 12.38 -0.70
C ALA B 95 17.32 11.98 0.71
N ASP B 96 17.88 12.69 1.70
CA ASP B 96 17.47 12.50 3.08
C ASP B 96 16.27 13.38 3.36
N VAL B 97 15.22 12.79 3.90
CA VAL B 97 13.98 13.49 4.14
C VAL B 97 13.70 13.62 5.63
N SER B 98 13.40 14.84 6.06
CA SER B 98 12.89 15.06 7.41
C SER B 98 12.00 16.29 7.38
N ILE B 99 10.70 16.05 7.39
CA ILE B 99 9.69 17.08 7.21
C ILE B 99 8.66 16.98 8.31
N GLU B 100 8.08 18.12 8.68
CA GLU B 100 6.89 18.12 9.53
C GLU B 100 5.75 18.77 8.74
N ASP B 101 4.61 18.11 8.66
CA ASP B 101 3.49 18.65 7.90
C ASP B 101 2.20 18.62 8.71
N SER B 102 1.46 19.72 8.69
CA SER B 102 0.22 19.80 9.46
C SER B 102 -1.04 19.70 8.60
N VAL B 103 -0.87 19.42 7.31
CA VAL B 103 -2.01 19.32 6.40
C VAL B 103 -2.40 17.86 6.13
N ILE B 104 -1.43 17.01 5.83
CA ILE B 104 -1.70 15.59 5.73
C ILE B 104 -2.02 15.05 7.12
N SER B 105 -2.60 13.85 7.16
CA SER B 105 -2.98 13.24 8.42
C SER B 105 -3.00 11.73 8.26
N LEU B 106 -2.98 11.00 9.38
CA LEU B 106 -3.17 9.55 9.34
C LEU B 106 -4.59 9.16 9.73
N SER B 107 -5.49 10.13 9.75
CA SER B 107 -6.91 9.89 9.95
C SER B 107 -7.73 11.01 9.33
N GLY B 108 -9.05 10.81 9.25
CA GLY B 108 -9.95 11.87 8.84
C GLY B 108 -9.92 12.18 7.36
N ASP B 109 -10.39 13.37 7.02
CA ASP B 109 -10.58 13.77 5.62
C ASP B 109 -9.28 13.85 4.84
N HIS B 110 -8.18 14.15 5.52
CA HIS B 110 -6.89 14.27 4.86
C HIS B 110 -6.03 13.03 5.06
N CYS B 111 -6.67 11.92 5.43
CA CYS B 111 -5.96 10.67 5.68
C CYS B 111 -5.21 10.21 4.43
N ILE B 112 -3.95 9.82 4.61
CA ILE B 112 -3.13 9.34 3.50
C ILE B 112 -2.84 7.85 3.56
N ILE B 113 -3.32 7.18 4.62
CA ILE B 113 -3.21 5.72 4.67
C ILE B 113 -3.92 5.08 3.48
N GLY B 114 -3.24 4.18 2.78
CA GLY B 114 -3.83 3.51 1.64
C GLY B 114 -3.74 4.32 0.35
N ARG B 115 -3.09 5.48 0.41
CA ARG B 115 -2.85 6.25 -0.81
C ARG B 115 -1.41 6.03 -1.26
N THR B 116 -0.96 6.75 -2.28
CA THR B 116 0.37 6.50 -2.82
C THR B 116 1.32 7.67 -2.64
N LEU B 117 2.53 7.39 -2.16
CA LEU B 117 3.59 8.39 -2.09
C LEU B 117 4.40 8.29 -3.38
N VAL B 118 4.70 9.43 -3.98
CA VAL B 118 5.38 9.49 -5.28
C VAL B 118 6.56 10.44 -5.24
N VAL B 119 7.69 10.03 -5.82
CA VAL B 119 8.79 10.96 -6.05
C VAL B 119 8.94 11.19 -7.56
N HIS B 120 9.05 12.46 -7.94
CA HIS B 120 9.01 12.86 -9.34
C HIS B 120 10.38 13.10 -9.97
N GLU B 121 10.39 13.11 -11.30
CA GLU B 121 11.58 13.37 -12.10
C GLU B 121 12.14 14.77 -11.86
N LYS B 122 11.26 15.76 -11.79
CA LYS B 122 11.67 17.16 -11.67
C LYS B 122 11.05 17.83 -10.45
N ALA B 123 11.49 19.05 -10.17
CA ALA B 123 10.91 19.87 -9.11
C ALA B 123 9.65 20.54 -9.61
N VAL B 124 8.74 20.86 -8.68
CA VAL B 124 7.46 21.42 -9.05
C VAL B 124 7.53 22.93 -9.31
N ASN B 139 4.53 20.12 -14.02
CA ASN B 139 5.93 20.43 -14.26
C ASN B 139 6.89 19.45 -13.58
N ALA B 140 6.36 18.60 -12.70
CA ALA B 140 7.21 17.65 -11.96
C ALA B 140 7.66 16.46 -12.81
N GLY B 141 7.08 16.34 -14.00
CA GLY B 141 7.48 15.28 -14.91
C GLY B 141 7.09 13.89 -14.45
N SER B 142 7.86 12.89 -14.84
CA SER B 142 7.50 11.50 -14.62
C SER B 142 7.51 11.10 -13.14
N ARG B 143 6.80 10.02 -12.85
CA ARG B 143 6.81 9.45 -11.51
C ARG B 143 7.88 8.37 -11.46
N LEU B 144 8.99 8.68 -10.80
CA LEU B 144 10.15 7.79 -10.81
C LEU B 144 9.95 6.57 -9.92
N ALA B 145 9.28 6.77 -8.79
CA ALA B 145 9.05 5.68 -7.84
C ALA B 145 7.83 5.99 -6.98
N CYS B 146 7.19 4.94 -6.47
CA CYS B 146 6.01 5.12 -5.65
C CYS B 146 5.77 3.89 -4.79
N GLY B 147 4.87 4.03 -3.83
CA GLY B 147 4.50 2.92 -2.98
C GLY B 147 3.20 3.25 -2.28
N VAL B 148 2.48 2.22 -1.85
CA VAL B 148 1.27 2.42 -1.07
C VAL B 148 1.64 2.70 0.37
N ILE B 149 0.97 3.68 0.97
CA ILE B 149 1.24 4.07 2.35
C ILE B 149 0.49 3.15 3.30
N GLY B 150 1.24 2.38 4.08
CA GLY B 150 0.65 1.36 4.93
C GLY B 150 0.72 1.66 6.42
N ILE B 151 -0.15 1.00 7.20
CA ILE B 151 -0.14 1.13 8.65
C ILE B 151 1.11 0.45 9.24
N ALA B 152 1.86 1.19 10.06
CA ALA B 152 3.10 0.64 10.64
C ALA B 152 3.00 0.42 12.14
N GLN B 153 2.10 1.16 12.79
CA GLN B 153 1.81 1.03 14.21
C GLN B 153 0.45 1.63 14.51
#